data_1E2N
#
_entry.id   1E2N
#
_cell.length_a   113.600
_cell.length_b   118.800
_cell.length_c   108.500
_cell.angle_alpha   90.00
_cell.angle_beta   90.00
_cell.angle_gamma   90.00
#
_symmetry.space_group_name_H-M   'C 2 2 21'
#
loop_
_entity.id
_entity.type
_entity.pdbx_description
1 polymer 'THYMIDINE KINASE'
2 non-polymer 'SULFATE ION'
3 non-polymer 6-{[4-(HYDROXYMETHYL)-5-METHYL-2,6-DIOXOHEXAHYDROPYRIMIDIN-5-YL]METHYL}-5-METHYLPYRIMIDINE-2,4(1H,3H)-DIONE
4 water water
#
_entity_poly.entity_id   1
_entity_poly.type   'polypeptide(L)'
_entity_poly.pdbx_seq_one_letter_code
;MPTLLRVYIDGPHGMGKTTTTQLLVALGSRDDIVYVPEPMTYWRVLGASETIANIYTTQHRLDQGEISAGDAAVVMTSAQ
ITMGMPYAVTDAVLAPHIGGEAGSSHAPPPALTLIFDRHPIAALLCYPAARYLMGSMTPQAVLAFVALIPPTLPGTNIVL
GALPEDRHIDRLAKRQRPGERLDLAMLAAIRRVYGLLANTVRYLQCGGSWREDWGQLSGTAVPPQGAEPQSNAGPRPHIG
DTLFTLFRAPELLAPNGDLYNVFAWALDVLAKRLRSMHVFILDYDQSPAGCRDALLQLTSGMVQTHVTTPGSIPTICDLA
RTFAREMGEAN
;
_entity_poly.pdbx_strand_id   A,B
#
# COMPACT_ATOMS: atom_id res chain seq x y z
N MET A 1 -3.34 -2.49 31.25
CA MET A 1 -3.94 -2.78 29.90
C MET A 1 -3.78 -4.26 29.55
N PRO A 2 -4.85 -4.88 29.07
CA PRO A 2 -4.81 -6.29 28.74
C PRO A 2 -3.84 -6.62 27.63
N THR A 3 -3.56 -7.92 27.50
CA THR A 3 -2.63 -8.41 26.50
C THR A 3 -3.33 -9.08 25.33
N LEU A 4 -2.72 -8.96 24.15
CA LEU A 4 -3.25 -9.56 22.94
C LEU A 4 -2.22 -10.50 22.29
N LEU A 5 -2.72 -11.55 21.64
CA LEU A 5 -1.89 -12.50 20.94
C LEU A 5 -2.37 -12.61 19.49
N ARG A 6 -1.57 -12.07 18.56
CA ARG A 6 -2.00 -12.17 17.16
C ARG A 6 -1.27 -13.31 16.47
N VAL A 7 -2.05 -14.14 15.78
CA VAL A 7 -1.50 -15.28 15.08
C VAL A 7 -2.01 -15.28 13.63
N TYR A 8 -1.10 -15.15 12.68
CA TYR A 8 -1.48 -15.14 11.27
C TYR A 8 -1.16 -16.49 10.62
N ILE A 9 -2.21 -17.24 10.28
CA ILE A 9 -1.97 -18.54 9.63
C ILE A 9 -1.71 -18.22 8.15
N ASP A 10 -0.57 -18.65 7.63
CA ASP A 10 -0.27 -18.32 6.23
C ASP A 10 0.48 -19.48 5.59
N GLY A 11 1.10 -19.27 4.44
CA GLY A 11 1.85 -20.31 3.76
C GLY A 11 1.13 -20.64 2.45
N PRO A 12 1.67 -21.59 1.69
CA PRO A 12 1.07 -22.00 0.44
C PRO A 12 -0.30 -22.60 0.71
N HIS A 13 -1.30 -22.19 -0.05
CA HIS A 13 -2.65 -22.70 0.15
C HIS A 13 -2.79 -24.18 -0.18
N GLY A 14 -3.79 -24.79 0.43
CA GLY A 14 -4.12 -26.17 0.25
C GLY A 14 -3.32 -27.19 1.01
N MET A 15 -2.75 -26.85 2.17
CA MET A 15 -1.98 -27.80 2.93
C MET A 15 -2.73 -28.63 3.95
N GLY A 16 -3.63 -28.05 4.73
CA GLY A 16 -4.32 -28.87 5.75
C GLY A 16 -5.48 -29.64 5.13
N LYS A 17 -6.07 -30.63 5.82
CA LYS A 17 -7.22 -31.31 5.19
C LYS A 17 -8.42 -30.38 5.20
N THR A 18 -8.56 -29.58 6.24
CA THR A 18 -9.64 -28.58 6.29
C THR A 18 -9.03 -27.26 5.85
N THR A 19 -9.81 -26.24 5.52
CA THR A 19 -9.17 -24.98 5.10
C THR A 19 -8.68 -24.25 6.35
N THR A 20 -8.01 -23.12 6.11
CA THR A 20 -7.53 -22.31 7.24
C THR A 20 -8.73 -21.76 7.99
N THR A 21 -9.74 -21.33 7.23
CA THR A 21 -10.96 -20.77 7.84
C THR A 21 -11.73 -21.84 8.59
N GLN A 22 -11.82 -23.06 8.08
CA GLN A 22 -12.53 -24.14 8.78
C GLN A 22 -11.86 -24.52 10.09
N LEU A 23 -10.53 -24.47 10.10
CA LEU A 23 -9.71 -24.78 11.27
C LEU A 23 -9.93 -23.68 12.33
N LEU A 24 -10.04 -22.48 11.81
CA LEU A 24 -10.25 -21.24 12.55
C LEU A 24 -11.58 -21.29 13.30
N VAL A 25 -12.63 -21.71 12.61
CA VAL A 25 -13.97 -21.86 13.18
C VAL A 25 -13.95 -22.84 14.35
N ALA A 26 -13.20 -23.92 14.19
CA ALA A 26 -13.04 -24.94 15.22
C ALA A 26 -12.41 -24.37 16.48
N LEU A 27 -11.43 -23.50 16.32
CA LEU A 27 -10.75 -22.86 17.44
C LEU A 27 -11.52 -21.69 18.01
N GLY A 28 -12.35 -21.01 17.24
CA GLY A 28 -13.11 -19.86 17.67
C GLY A 28 -14.39 -20.20 18.42
N SER A 29 -14.28 -21.07 19.41
CA SER A 29 -15.38 -21.52 20.24
C SER A 29 -15.01 -21.46 21.71
N ARG A 30 -14.02 -20.64 22.06
CA ARG A 30 -13.58 -20.55 23.45
C ARG A 30 -13.88 -19.25 24.17
N ASP A 31 -14.26 -18.18 23.49
CA ASP A 31 -14.55 -16.90 24.10
C ASP A 31 -13.30 -16.05 24.38
N ASP A 32 -12.13 -16.62 24.24
CA ASP A 32 -10.86 -15.97 24.47
C ASP A 32 -10.01 -16.07 23.20
N ILE A 33 -10.67 -16.52 22.14
CA ILE A 33 -10.04 -16.71 20.84
C ILE A 33 -11.00 -16.41 19.71
N VAL A 34 -10.77 -15.30 19.01
CA VAL A 34 -11.63 -14.90 17.90
C VAL A 34 -10.86 -15.02 16.59
N TYR A 35 -11.56 -15.22 15.48
CA TYR A 35 -10.89 -15.35 14.20
C TYR A 35 -11.30 -14.31 13.17
N VAL A 36 -10.43 -14.14 12.19
CA VAL A 36 -10.59 -13.26 11.04
C VAL A 36 -10.40 -14.20 9.84
N PRO A 37 -11.52 -14.71 9.33
CA PRO A 37 -11.51 -15.65 8.24
C PRO A 37 -11.21 -15.06 6.89
N GLU A 38 -11.10 -15.96 5.92
CA GLU A 38 -10.84 -15.61 4.54
C GLU A 38 -11.98 -14.76 4.00
N PRO A 39 -11.68 -13.62 3.41
CA PRO A 39 -12.68 -12.73 2.84
C PRO A 39 -13.10 -13.14 1.44
N MET A 40 -13.68 -14.33 1.31
CA MET A 40 -14.13 -14.89 0.05
C MET A 40 -15.18 -14.05 -0.66
N THR A 41 -16.13 -13.50 0.08
CA THR A 41 -17.19 -12.67 -0.47
C THR A 41 -16.65 -11.45 -1.22
N TYR A 42 -15.59 -10.86 -0.69
CA TYR A 42 -14.97 -9.70 -1.29
C TYR A 42 -14.32 -10.05 -2.63
N TRP A 43 -13.61 -11.19 -2.67
CA TRP A 43 -12.92 -11.60 -3.88
C TRP A 43 -13.84 -12.02 -5.01
N ARG A 44 -14.96 -12.65 -4.70
CA ARG A 44 -15.90 -13.12 -5.70
C ARG A 44 -17.01 -12.14 -6.00
N VAL A 45 -17.38 -11.27 -5.05
CA VAL A 45 -18.46 -10.32 -5.31
C VAL A 45 -18.12 -8.86 -5.04
N LEU A 46 -17.98 -8.51 -3.78
CA LEU A 46 -17.72 -7.17 -3.31
C LEU A 46 -16.67 -6.38 -4.06
N GLY A 47 -15.41 -6.78 -3.99
CA GLY A 47 -14.32 -6.09 -4.65
C GLY A 47 -14.32 -6.18 -6.15
N ALA A 48 -14.76 -7.30 -6.71
CA ALA A 48 -14.80 -7.51 -8.15
C ALA A 48 -15.47 -8.86 -8.44
N SER A 49 -15.62 -9.25 -9.68
CA SER A 49 -16.29 -10.53 -9.96
C SER A 49 -15.34 -11.69 -10.19
N GLU A 50 -15.48 -12.73 -9.36
CA GLU A 50 -14.64 -13.92 -9.48
C GLU A 50 -13.19 -13.54 -9.78
N THR A 51 -12.46 -13.14 -8.75
CA THR A 51 -11.07 -12.73 -8.95
C THR A 51 -10.14 -13.92 -9.00
N ILE A 52 -10.39 -14.97 -8.24
CA ILE A 52 -9.52 -16.16 -8.27
C ILE A 52 -9.59 -16.86 -9.61
N ALA A 53 -10.81 -16.94 -10.16
CA ALA A 53 -11.04 -17.56 -11.46
C ALA A 53 -10.26 -16.81 -12.56
N ASN A 54 -10.34 -15.49 -12.51
CA ASN A 54 -9.66 -14.61 -13.45
C ASN A 54 -8.15 -14.85 -13.44
N ILE A 55 -7.58 -14.99 -12.24
CA ILE A 55 -6.17 -15.23 -12.04
C ILE A 55 -5.73 -16.52 -12.73
N TYR A 56 -6.36 -17.63 -12.37
CA TYR A 56 -6.03 -18.92 -12.95
C TYR A 56 -6.32 -18.96 -14.43
N THR A 57 -7.43 -18.38 -14.88
CA THR A 57 -7.68 -18.37 -16.34
C THR A 57 -6.51 -17.68 -17.02
N THR A 58 -6.22 -16.45 -16.60
CA THR A 58 -5.11 -15.67 -17.13
C THR A 58 -3.80 -16.44 -17.17
N GLN A 59 -3.43 -17.14 -16.09
CA GLN A 59 -2.18 -17.89 -16.12
C GLN A 59 -2.23 -18.96 -17.22
N HIS A 60 -3.35 -19.68 -17.27
CA HIS A 60 -3.57 -20.72 -18.25
C HIS A 60 -3.46 -20.20 -19.67
N ARG A 61 -4.05 -19.03 -19.94
CA ARG A 61 -3.97 -18.43 -21.26
C ARG A 61 -2.55 -18.00 -21.59
N LEU A 62 -1.79 -17.57 -20.58
CA LEU A 62 -0.41 -17.17 -20.80
C LEU A 62 0.39 -18.40 -21.25
N ASP A 63 0.23 -19.48 -20.49
CA ASP A 63 0.88 -20.75 -20.72
C ASP A 63 0.59 -21.32 -22.11
N GLN A 64 -0.64 -21.15 -22.60
CA GLN A 64 -1.07 -21.62 -23.90
C GLN A 64 -0.65 -20.69 -25.03
N GLY A 65 -0.10 -19.53 -24.70
CA GLY A 65 0.34 -18.54 -25.67
C GLY A 65 -0.77 -17.73 -26.28
N GLU A 66 -1.94 -17.67 -25.65
CA GLU A 66 -3.06 -16.91 -26.18
C GLU A 66 -2.96 -15.43 -25.88
N ILE A 67 -2.28 -15.06 -24.79
CA ILE A 67 -2.13 -13.65 -24.42
C ILE A 67 -0.65 -13.36 -24.19
N SER A 68 -0.25 -12.10 -24.21
CA SER A 68 1.15 -11.76 -23.99
C SER A 68 1.49 -11.72 -22.50
N ALA A 69 2.78 -11.73 -22.20
CA ALA A 69 3.27 -11.67 -20.83
C ALA A 69 2.85 -10.36 -20.16
N GLY A 70 2.89 -9.27 -20.91
CA GLY A 70 2.49 -7.95 -20.45
C GLY A 70 0.99 -7.88 -20.17
N ASP A 71 0.18 -8.59 -20.95
CA ASP A 71 -1.26 -8.63 -20.78
C ASP A 71 -1.63 -9.38 -19.49
N ALA A 72 -0.86 -10.40 -19.17
CA ALA A 72 -1.08 -11.20 -17.98
C ALA A 72 -0.70 -10.39 -16.73
N ALA A 73 0.43 -9.70 -16.82
CA ALA A 73 0.96 -8.87 -15.77
C ALA A 73 -0.01 -7.77 -15.34
N VAL A 74 -0.67 -7.12 -16.29
CA VAL A 74 -1.64 -6.08 -16.02
C VAL A 74 -2.81 -6.66 -15.22
N VAL A 75 -3.34 -7.79 -15.67
CA VAL A 75 -4.44 -8.45 -15.01
C VAL A 75 -4.09 -8.93 -13.61
N MET A 76 -2.92 -9.55 -13.47
CA MET A 76 -2.43 -10.10 -12.23
C MET A 76 -2.11 -9.03 -11.20
N THR A 77 -1.54 -7.90 -11.63
CA THR A 77 -1.20 -6.81 -10.71
C THR A 77 -2.48 -6.21 -10.14
N SER A 78 -3.44 -5.95 -11.01
CA SER A 78 -4.74 -5.40 -10.64
C SER A 78 -5.49 -6.39 -9.75
N ALA A 79 -5.38 -7.67 -10.08
CA ALA A 79 -6.04 -8.70 -9.29
C ALA A 79 -5.49 -8.74 -7.87
N GLN A 80 -4.18 -8.56 -7.70
CA GLN A 80 -3.59 -8.57 -6.36
C GLN A 80 -3.96 -7.36 -5.53
N ILE A 81 -4.28 -6.23 -6.14
CA ILE A 81 -4.69 -5.04 -5.40
C ILE A 81 -6.00 -5.37 -4.65
N THR A 82 -6.89 -6.03 -5.39
CA THR A 82 -8.18 -6.47 -4.93
C THR A 82 -8.07 -7.59 -3.90
N MET A 83 -7.14 -8.52 -4.10
CA MET A 83 -6.96 -9.62 -3.16
C MET A 83 -6.48 -9.18 -1.78
N GLY A 84 -5.55 -8.23 -1.72
CA GLY A 84 -5.00 -7.79 -0.45
C GLY A 84 -5.77 -6.71 0.29
N MET A 85 -6.74 -6.08 -0.36
CA MET A 85 -7.54 -4.99 0.22
C MET A 85 -8.00 -5.29 1.63
N PRO A 86 -8.74 -6.36 1.86
CA PRO A 86 -9.21 -6.73 3.18
C PRO A 86 -8.11 -6.87 4.21
N TYR A 87 -6.95 -7.42 3.84
CA TYR A 87 -5.85 -7.57 4.77
C TYR A 87 -5.27 -6.20 5.16
N ALA A 88 -5.10 -5.35 4.15
CA ALA A 88 -4.52 -4.02 4.38
C ALA A 88 -5.46 -3.20 5.24
N VAL A 89 -6.77 -3.29 4.91
CA VAL A 89 -7.74 -2.52 5.71
C VAL A 89 -7.78 -3.06 7.13
N THR A 90 -7.68 -4.38 7.29
CA THR A 90 -7.67 -4.98 8.62
C THR A 90 -6.47 -4.49 9.42
N ASP A 91 -5.28 -4.50 8.82
CA ASP A 91 -4.07 -4.05 9.52
C ASP A 91 -4.16 -2.59 9.97
N ALA A 92 -4.60 -1.70 9.11
CA ALA A 92 -4.69 -0.29 9.39
C ALA A 92 -5.66 0.12 10.48
N VAL A 93 -6.75 -0.60 10.67
CA VAL A 93 -7.69 -0.25 11.74
C VAL A 93 -7.25 -0.90 13.03
N LEU A 94 -6.53 -2.02 12.95
CA LEU A 94 -6.06 -2.73 14.13
C LEU A 94 -4.76 -2.17 14.69
N ALA A 95 -3.92 -1.56 13.86
CA ALA A 95 -2.65 -0.99 14.22
C ALA A 95 -2.61 -0.09 15.44
N PRO A 96 -3.49 0.90 15.55
CA PRO A 96 -3.52 1.81 16.67
C PRO A 96 -3.84 1.18 18.01
N HIS A 97 -4.40 -0.03 18.03
CA HIS A 97 -4.74 -0.74 19.23
C HIS A 97 -3.61 -1.63 19.74
N ILE A 98 -2.59 -1.84 18.92
CA ILE A 98 -1.46 -2.68 19.29
C ILE A 98 -0.39 -1.88 20.02
N GLY A 99 -0.07 -2.28 21.23
CA GLY A 99 0.96 -1.59 22.02
C GLY A 99 2.27 -2.36 21.96
N GLY A 100 3.18 -2.08 22.90
CA GLY A 100 4.47 -2.76 22.92
C GLY A 100 4.33 -4.20 23.42
N GLU A 101 5.42 -4.96 23.29
CA GLU A 101 5.44 -6.35 23.71
C GLU A 101 5.23 -6.49 25.22
N ALA A 102 4.88 -7.69 25.64
CA ALA A 102 4.69 -7.96 27.07
C ALA A 102 5.88 -8.76 27.59
N GLY A 103 6.18 -9.85 26.89
CA GLY A 103 7.27 -10.75 27.24
C GLY A 103 7.08 -12.13 26.59
N SER A 104 7.87 -13.09 27.04
CA SER A 104 7.83 -14.45 26.53
C SER A 104 6.53 -14.82 25.83
N PRO A 109 -1.39 -16.44 30.42
CA PRO A 109 -2.16 -16.39 29.19
C PRO A 109 -2.67 -15.00 28.85
N PRO A 110 -2.93 -14.78 27.56
CA PRO A 110 -3.41 -13.52 27.05
C PRO A 110 -4.90 -13.33 27.20
N ALA A 111 -5.30 -12.07 27.33
CA ALA A 111 -6.71 -11.71 27.46
C ALA A 111 -7.48 -12.14 26.21
N LEU A 112 -6.92 -11.85 25.03
CA LEU A 112 -7.54 -12.20 23.77
C LEU A 112 -6.53 -12.75 22.77
N THR A 113 -6.91 -13.78 22.05
CA THR A 113 -6.09 -14.42 21.03
C THR A 113 -6.80 -14.23 19.68
N LEU A 114 -6.21 -13.38 18.84
CA LEU A 114 -6.79 -13.10 17.52
C LEU A 114 -6.06 -13.96 16.47
N ILE A 115 -6.77 -14.83 15.78
CA ILE A 115 -6.18 -15.71 14.78
C ILE A 115 -6.70 -15.34 13.38
N PHE A 116 -5.78 -14.92 12.52
CA PHE A 116 -6.14 -14.51 11.18
C PHE A 116 -5.92 -15.55 10.09
N ASP A 117 -6.70 -15.41 9.02
CA ASP A 117 -6.53 -16.25 7.85
C ASP A 117 -5.65 -15.39 6.90
N ARG A 118 -4.36 -15.58 6.97
CA ARG A 118 -3.37 -14.90 6.19
C ARG A 118 -3.04 -13.50 6.71
N HIS A 119 -1.88 -13.05 6.27
CA HIS A 119 -1.31 -11.75 6.62
C HIS A 119 -1.12 -10.96 5.34
N PRO A 120 -1.10 -9.64 5.38
CA PRO A 120 -0.88 -8.82 4.21
C PRO A 120 0.28 -9.24 3.34
N ILE A 121 1.34 -9.85 3.85
CA ILE A 121 2.45 -10.26 3.01
C ILE A 121 2.11 -11.32 1.97
N ALA A 122 1.05 -12.11 2.12
CA ALA A 122 0.71 -13.10 1.11
C ALA A 122 0.19 -12.46 -0.17
N ALA A 123 -0.55 -11.37 -0.03
CA ALA A 123 -1.11 -10.66 -1.17
C ALA A 123 -0.21 -9.55 -1.68
N LEU A 124 0.75 -9.16 -0.83
CA LEU A 124 1.66 -8.08 -1.19
C LEU A 124 3.05 -8.54 -1.52
N LEU A 125 3.43 -9.75 -1.16
CA LEU A 125 4.77 -10.26 -1.41
C LEU A 125 4.79 -11.66 -2.03
N CYS A 126 4.26 -12.63 -1.29
CA CYS A 126 4.26 -14.02 -1.68
C CYS A 126 3.53 -14.36 -2.96
N TYR A 127 2.26 -14.03 -3.13
CA TYR A 127 1.57 -14.35 -4.38
C TYR A 127 2.18 -13.66 -5.56
N PRO A 128 2.42 -12.35 -5.51
CA PRO A 128 3.05 -11.62 -6.60
C PRO A 128 4.41 -12.20 -6.96
N ALA A 129 5.24 -12.55 -5.98
CA ALA A 129 6.55 -13.13 -6.25
C ALA A 129 6.40 -14.45 -7.01
N ALA A 130 5.43 -15.27 -6.59
CA ALA A 130 5.18 -16.54 -7.24
C ALA A 130 4.77 -16.28 -8.69
N ARG A 131 3.89 -15.30 -8.90
CA ARG A 131 3.47 -14.96 -10.25
C ARG A 131 4.64 -14.42 -11.07
N TYR A 132 5.63 -13.80 -10.41
CA TYR A 132 6.81 -13.33 -11.11
C TYR A 132 7.55 -14.58 -11.61
N LEU A 133 7.68 -15.61 -10.77
CA LEU A 133 8.32 -16.87 -11.14
C LEU A 133 7.58 -17.61 -12.24
N MET A 134 6.30 -17.37 -12.43
CA MET A 134 5.42 -17.94 -13.43
C MET A 134 5.37 -17.10 -14.69
N GLY A 135 6.12 -16.00 -14.73
CA GLY A 135 6.15 -15.11 -15.88
C GLY A 135 4.92 -14.24 -16.01
N SER A 136 4.03 -14.20 -15.03
CA SER A 136 2.83 -13.38 -15.13
C SER A 136 2.84 -12.08 -14.34
N MET A 137 4.01 -11.64 -13.87
CA MET A 137 4.07 -10.35 -13.16
C MET A 137 5.48 -9.79 -13.28
N THR A 138 5.62 -8.47 -13.42
CA THR A 138 6.99 -7.92 -13.53
C THR A 138 7.59 -7.81 -12.13
N PRO A 139 8.91 -7.91 -12.03
CA PRO A 139 9.60 -7.79 -10.76
C PRO A 139 9.46 -6.39 -10.18
N GLN A 140 9.21 -5.37 -11.02
CA GLN A 140 9.01 -4.01 -10.56
C GLN A 140 7.66 -3.91 -9.84
N ALA A 141 6.64 -4.59 -10.36
CA ALA A 141 5.33 -4.54 -9.68
C ALA A 141 5.45 -5.22 -8.32
N VAL A 142 6.19 -6.33 -8.24
CA VAL A 142 6.37 -7.02 -6.96
C VAL A 142 7.03 -6.11 -5.94
N LEU A 143 8.05 -5.33 -6.32
CA LEU A 143 8.72 -4.44 -5.37
C LEU A 143 7.85 -3.24 -5.02
N ALA A 144 6.91 -2.89 -5.89
CA ALA A 144 5.97 -1.81 -5.63
C ALA A 144 5.00 -2.27 -4.52
N PHE A 145 4.60 -3.54 -4.55
CA PHE A 145 3.72 -4.07 -3.51
C PHE A 145 4.51 -4.18 -2.20
N VAL A 146 5.77 -4.59 -2.30
CA VAL A 146 6.66 -4.72 -1.15
C VAL A 146 6.83 -3.36 -0.47
N ALA A 147 6.91 -2.30 -1.27
CA ALA A 147 7.08 -0.95 -0.77
C ALA A 147 5.85 -0.48 0.01
N LEU A 148 4.71 -1.14 -0.13
CA LEU A 148 3.49 -0.81 0.57
C LEU A 148 3.16 -1.76 1.70
N ILE A 149 4.07 -2.66 2.07
CA ILE A 149 3.79 -3.57 3.18
C ILE A 149 3.74 -2.72 4.45
N PRO A 150 2.64 -2.80 5.19
CA PRO A 150 2.48 -2.01 6.41
C PRO A 150 3.62 -2.31 7.36
N PRO A 151 4.04 -1.33 8.13
CA PRO A 151 5.12 -1.52 9.09
C PRO A 151 4.88 -2.75 9.94
N THR A 152 5.91 -3.51 10.27
CA THR A 152 5.70 -4.71 11.09
C THR A 152 5.58 -4.31 12.56
N LEU A 153 4.41 -4.53 13.14
CA LEU A 153 4.17 -4.18 14.53
C LEU A 153 4.66 -5.30 15.45
N PRO A 154 4.84 -4.98 16.71
CA PRO A 154 5.29 -5.94 17.70
C PRO A 154 4.30 -7.09 17.78
N GLY A 155 4.79 -8.28 18.12
CA GLY A 155 3.94 -9.44 18.24
C GLY A 155 3.36 -9.93 16.93
N THR A 156 4.14 -9.86 15.85
CA THR A 156 3.65 -10.37 14.56
C THR A 156 4.09 -11.82 14.43
N ASN A 157 3.20 -12.74 14.80
CA ASN A 157 3.43 -14.17 14.77
C ASN A 157 2.82 -14.77 13.51
N ILE A 158 3.64 -15.30 12.64
CA ILE A 158 3.21 -15.89 11.37
C ILE A 158 3.49 -17.37 11.29
N VAL A 159 2.43 -18.18 11.16
CA VAL A 159 2.56 -19.62 11.05
C VAL A 159 2.61 -20.04 9.58
N LEU A 160 3.67 -20.74 9.20
CA LEU A 160 3.80 -21.22 7.82
C LEU A 160 3.78 -22.74 7.89
N GLY A 161 3.32 -23.42 6.84
CA GLY A 161 3.25 -24.86 6.88
C GLY A 161 4.37 -25.63 6.24
N ALA A 162 4.55 -26.86 6.72
CA ALA A 162 5.50 -27.83 6.23
C ALA A 162 4.68 -29.04 5.73
N LEU A 163 4.93 -29.47 4.51
CA LEU A 163 4.21 -30.58 3.94
C LEU A 163 4.90 -31.04 2.66
N PRO A 164 5.19 -32.33 2.61
CA PRO A 164 5.84 -32.95 1.45
C PRO A 164 5.05 -32.67 0.20
N GLU A 165 5.71 -32.30 -0.88
CA GLU A 165 5.06 -31.95 -2.13
C GLU A 165 3.99 -32.89 -2.62
N ASP A 166 4.23 -34.20 -2.68
CA ASP A 166 3.20 -35.12 -3.19
C ASP A 166 1.94 -35.11 -2.36
N ARG A 167 2.05 -35.02 -1.06
CA ARG A 167 0.91 -34.93 -0.14
C ARG A 167 0.20 -33.59 -0.35
N HIS A 168 0.97 -32.55 -0.67
CA HIS A 168 0.42 -31.23 -0.91
C HIS A 168 -0.42 -31.29 -2.20
N ILE A 169 0.16 -31.88 -3.25
CA ILE A 169 -0.53 -32.02 -4.52
C ILE A 169 -1.83 -32.78 -4.30
N ASP A 170 -1.72 -33.90 -3.59
CA ASP A 170 -2.89 -34.73 -3.31
C ASP A 170 -3.95 -33.95 -2.56
N ARG A 171 -3.60 -33.36 -1.43
CA ARG A 171 -4.56 -32.59 -0.62
C ARG A 171 -5.15 -31.42 -1.37
N LEU A 172 -4.40 -30.77 -2.24
CA LEU A 172 -4.86 -29.64 -3.04
C LEU A 172 -5.81 -30.07 -4.15
N ALA A 173 -5.64 -31.29 -4.66
CA ALA A 173 -6.47 -31.84 -5.71
C ALA A 173 -7.89 -32.13 -5.22
N LYS A 174 -8.05 -32.34 -3.92
CA LYS A 174 -9.36 -32.61 -3.35
C LYS A 174 -10.16 -31.36 -3.06
N ARG A 175 -9.54 -30.18 -2.96
CA ARG A 175 -10.33 -28.97 -2.73
C ARG A 175 -10.02 -27.94 -3.81
N GLN A 176 -10.58 -28.19 -5.01
CA GLN A 176 -10.34 -27.22 -6.09
C GLN A 176 -11.38 -26.11 -5.95
N ARG A 177 -10.91 -24.92 -5.60
CA ARG A 177 -11.82 -23.80 -5.40
C ARG A 177 -12.45 -23.30 -6.68
N PRO A 178 -13.53 -22.53 -6.53
CA PRO A 178 -14.27 -21.96 -7.62
C PRO A 178 -13.40 -21.17 -8.58
N GLY A 179 -13.15 -21.72 -9.77
CA GLY A 179 -12.34 -21.05 -10.77
C GLY A 179 -10.86 -21.38 -10.72
N GLU A 180 -10.45 -22.24 -9.80
CA GLU A 180 -9.06 -22.63 -9.67
C GLU A 180 -8.66 -23.77 -10.60
N ARG A 181 -7.42 -23.72 -11.09
CA ARG A 181 -6.88 -24.75 -11.96
C ARG A 181 -5.70 -25.41 -11.24
N LEU A 182 -5.65 -26.73 -11.21
CA LEU A 182 -4.56 -27.42 -10.51
C LEU A 182 -3.28 -27.29 -11.32
N ASP A 183 -2.48 -26.28 -11.00
CA ASP A 183 -1.22 -25.97 -11.68
C ASP A 183 -0.01 -26.32 -10.85
N LEU A 184 0.73 -27.34 -11.27
CA LEU A 184 1.93 -27.81 -10.60
C LEU A 184 3.08 -26.82 -10.64
N ALA A 185 3.12 -25.99 -11.68
CA ALA A 185 4.19 -24.99 -11.78
C ALA A 185 3.93 -23.91 -10.71
N MET A 186 2.69 -23.48 -10.56
CA MET A 186 2.33 -22.49 -9.55
C MET A 186 2.55 -23.08 -8.16
N LEU A 187 2.19 -24.36 -7.97
CA LEU A 187 2.42 -24.97 -6.66
C LEU A 187 3.90 -24.94 -6.32
N ALA A 188 4.75 -25.20 -7.31
CA ALA A 188 6.20 -25.18 -7.09
C ALA A 188 6.62 -23.74 -6.76
N ALA A 189 6.14 -22.82 -7.57
CA ALA A 189 6.43 -21.39 -7.39
C ALA A 189 6.05 -20.91 -6.00
N ILE A 190 4.80 -21.15 -5.59
CA ILE A 190 4.32 -20.69 -4.30
C ILE A 190 5.01 -21.39 -3.14
N ARG A 191 5.32 -22.67 -3.26
CA ARG A 191 6.02 -23.40 -2.20
C ARG A 191 7.44 -22.85 -2.04
N ARG A 192 8.09 -22.54 -3.16
CA ARG A 192 9.45 -22.00 -3.15
C ARG A 192 9.47 -20.63 -2.48
N VAL A 193 8.55 -19.75 -2.87
CA VAL A 193 8.46 -18.42 -2.27
C VAL A 193 8.31 -18.51 -0.76
N TYR A 194 7.42 -19.35 -0.24
CA TYR A 194 7.27 -19.46 1.21
C TYR A 194 8.50 -20.06 1.88
N GLY A 195 9.17 -20.99 1.21
CA GLY A 195 10.40 -21.58 1.78
C GLY A 195 11.46 -20.48 1.84
N LEU A 196 11.55 -19.68 0.77
CA LEU A 196 12.49 -18.56 0.74
C LEU A 196 12.10 -17.52 1.79
N LEU A 197 10.80 -17.31 2.01
CA LEU A 197 10.37 -16.33 3.04
C LEU A 197 10.91 -16.77 4.39
N ALA A 198 10.70 -18.05 4.72
CA ALA A 198 11.19 -18.59 5.98
C ALA A 198 12.70 -18.42 6.11
N ASN A 199 13.45 -18.71 5.05
CA ASN A 199 14.89 -18.57 5.08
C ASN A 199 15.32 -17.11 5.24
N THR A 200 14.59 -16.22 4.60
CA THR A 200 14.87 -14.79 4.65
C THR A 200 14.75 -14.25 6.07
N VAL A 201 13.67 -14.58 6.78
CA VAL A 201 13.54 -14.09 8.17
C VAL A 201 14.73 -14.55 8.99
N ARG A 202 15.09 -15.82 8.87
CA ARG A 202 16.25 -16.37 9.56
C ARG A 202 17.53 -15.60 9.20
N TYR A 203 17.77 -15.48 7.90
CA TYR A 203 18.92 -14.75 7.37
C TYR A 203 19.06 -13.40 8.05
N LEU A 204 17.98 -12.62 8.03
CA LEU A 204 17.92 -11.31 8.64
C LEU A 204 18.09 -11.33 10.14
N GLN A 205 17.48 -12.28 10.84
CA GLN A 205 17.59 -12.34 12.29
C GLN A 205 18.97 -12.72 12.75
N CYS A 206 19.73 -13.39 11.88
CA CYS A 206 21.07 -13.81 12.16
C CYS A 206 22.16 -12.87 11.69
N GLY A 207 21.88 -11.62 11.33
CA GLY A 207 22.95 -10.72 10.91
C GLY A 207 22.97 -10.36 9.44
N GLY A 208 22.26 -11.14 8.64
CA GLY A 208 22.21 -10.95 7.22
C GLY A 208 22.04 -9.52 6.76
N SER A 209 22.95 -9.09 5.88
CA SER A 209 22.91 -7.78 5.26
C SER A 209 22.87 -7.98 3.74
N TRP A 210 21.72 -7.83 3.13
CA TRP A 210 21.57 -8.04 1.70
C TRP A 210 22.55 -7.27 0.84
N ARG A 211 22.83 -6.01 1.16
CA ARG A 211 23.76 -5.19 0.40
C ARG A 211 25.19 -5.74 0.47
N GLU A 212 25.55 -6.24 1.64
CA GLU A 212 26.88 -6.81 1.85
C GLU A 212 27.06 -8.15 1.15
N ASP A 213 26.03 -8.97 1.03
CA ASP A 213 26.12 -10.26 0.38
C ASP A 213 25.67 -10.28 -1.07
N TRP A 214 25.14 -9.20 -1.60
CA TRP A 214 24.64 -9.14 -2.97
C TRP A 214 25.60 -9.71 -4.01
N GLY A 215 26.89 -9.41 -3.91
CA GLY A 215 27.89 -9.90 -4.81
C GLY A 215 27.89 -11.41 -4.97
N GLN A 216 27.57 -12.16 -3.92
CA GLN A 216 27.52 -13.61 -3.97
C GLN A 216 26.48 -14.18 -4.90
N LEU A 217 25.52 -13.42 -5.40
CA LEU A 217 24.50 -13.91 -6.31
C LEU A 217 25.05 -14.08 -7.72
N SER A 218 26.06 -13.30 -8.07
CA SER A 218 26.66 -13.37 -9.40
C SER A 218 28.10 -13.84 -9.36
N GLY A 219 28.52 -14.45 -8.26
CA GLY A 219 29.88 -14.96 -8.13
C GLY A 219 30.50 -14.64 -6.78
N PRO A 235 26.41 -17.63 11.31
CA PRO A 235 25.85 -18.75 10.55
C PRO A 235 24.41 -18.45 10.15
N ARG A 236 24.17 -18.47 8.85
CA ARG A 236 22.85 -18.18 8.28
C ARG A 236 22.78 -18.69 6.85
N PRO A 237 21.57 -18.74 6.30
CA PRO A 237 21.38 -19.19 4.94
C PRO A 237 22.13 -18.33 3.94
N HIS A 238 22.53 -18.97 2.85
CA HIS A 238 23.24 -18.23 1.78
C HIS A 238 22.19 -17.30 1.17
N ILE A 239 22.57 -16.13 0.70
CA ILE A 239 21.62 -15.20 0.09
C ILE A 239 20.92 -15.78 -1.10
N GLY A 240 21.49 -16.81 -1.73
CA GLY A 240 20.94 -17.52 -2.86
C GLY A 240 19.67 -18.29 -2.46
N ASP A 241 19.53 -18.59 -1.18
CA ASP A 241 18.39 -19.26 -0.61
C ASP A 241 17.45 -18.32 0.13
N THR A 242 17.41 -17.05 -0.22
CA THR A 242 16.49 -16.11 0.43
C THR A 242 15.68 -15.40 -0.66
N LEU A 243 14.69 -14.59 -0.30
CA LEU A 243 13.90 -13.86 -1.29
C LEU A 243 14.72 -12.88 -2.10
N PHE A 244 15.87 -12.43 -1.61
CA PHE A 244 16.71 -11.50 -2.33
C PHE A 244 17.17 -12.04 -3.67
N THR A 245 17.41 -13.35 -3.87
CA THR A 245 17.82 -13.85 -5.16
C THR A 245 16.83 -13.54 -6.29
N LEU A 246 15.55 -13.46 -5.95
CA LEU A 246 14.51 -13.20 -6.94
C LEU A 246 14.65 -11.84 -7.59
N PHE A 247 15.22 -10.89 -6.85
CA PHE A 247 15.35 -9.52 -7.34
C PHE A 247 16.63 -9.20 -8.04
N ARG A 248 17.32 -10.22 -8.57
CA ARG A 248 18.54 -10.06 -9.34
C ARG A 248 18.12 -10.02 -10.83
N ALA A 249 16.81 -10.04 -11.03
CA ALA A 249 16.17 -9.97 -12.31
C ALA A 249 16.76 -8.83 -13.13
N PRO A 250 16.95 -9.03 -14.42
CA PRO A 250 17.52 -8.02 -15.30
C PRO A 250 16.69 -6.77 -15.43
N GLU A 251 15.37 -6.83 -15.24
CA GLU A 251 14.56 -5.62 -15.35
C GLU A 251 14.88 -4.58 -14.28
N LEU A 252 15.44 -4.98 -13.15
CA LEU A 252 15.79 -4.10 -12.05
C LEU A 252 17.21 -3.56 -12.08
N LEU A 253 18.02 -4.02 -13.03
CA LEU A 253 19.41 -3.61 -13.12
C LEU A 253 19.74 -2.62 -14.22
N ALA A 254 20.66 -1.72 -13.89
CA ALA A 254 21.15 -0.73 -14.86
C ALA A 254 22.13 -1.45 -15.81
N PRO A 255 22.53 -0.77 -16.87
CA PRO A 255 23.45 -1.31 -17.85
C PRO A 255 24.73 -1.89 -17.31
N ASN A 256 25.23 -1.48 -16.14
CA ASN A 256 26.46 -2.02 -15.59
C ASN A 256 26.17 -3.11 -14.57
N GLY A 257 24.94 -3.60 -14.52
CA GLY A 257 24.54 -4.64 -13.61
C GLY A 257 24.17 -4.20 -12.22
N ASP A 258 24.32 -2.91 -11.86
CA ASP A 258 23.94 -2.47 -10.53
C ASP A 258 22.41 -2.42 -10.43
N LEU A 259 21.94 -2.73 -9.24
CA LEU A 259 20.48 -2.68 -8.96
C LEU A 259 20.11 -1.20 -8.90
N TYR A 260 19.04 -0.73 -9.52
CA TYR A 260 18.72 0.69 -9.38
C TYR A 260 18.40 0.98 -7.90
N ASN A 261 18.63 2.21 -7.47
CA ASN A 261 18.38 2.59 -6.08
C ASN A 261 16.92 2.47 -5.70
N VAL A 262 15.99 2.73 -6.60
CA VAL A 262 14.58 2.61 -6.29
C VAL A 262 14.32 1.19 -5.73
N PHE A 263 14.82 0.19 -6.47
CA PHE A 263 14.65 -1.21 -6.11
C PHE A 263 15.45 -1.59 -4.89
N ALA A 264 16.66 -1.05 -4.75
CA ALA A 264 17.48 -1.34 -3.57
C ALA A 264 16.73 -0.86 -2.33
N TRP A 265 16.05 0.27 -2.42
CA TRP A 265 15.27 0.79 -1.29
C TRP A 265 14.11 -0.13 -0.96
N ALA A 266 13.52 -0.75 -1.97
CA ALA A 266 12.41 -1.70 -1.75
C ALA A 266 12.90 -2.94 -1.00
N LEU A 267 14.14 -3.33 -1.27
CA LEU A 267 14.77 -4.46 -0.59
C LEU A 267 15.09 -4.08 0.84
N ASP A 268 15.47 -2.82 1.09
CA ASP A 268 15.73 -2.36 2.45
C ASP A 268 14.42 -2.44 3.24
N VAL A 269 13.31 -2.04 2.62
CA VAL A 269 11.99 -2.10 3.24
C VAL A 269 11.65 -3.57 3.52
N LEU A 270 11.89 -4.43 2.52
CA LEU A 270 11.62 -5.86 2.68
C LEU A 270 12.40 -6.42 3.86
N ALA A 271 13.67 -6.06 3.96
CA ALA A 271 14.54 -6.50 5.03
C ALA A 271 13.98 -6.07 6.39
N LYS A 272 13.58 -4.79 6.48
CA LYS A 272 13.04 -4.24 7.70
C LYS A 272 11.70 -4.81 8.11
N ARG A 273 10.82 -5.11 7.18
CA ARG A 273 9.51 -5.68 7.48
C ARG A 273 9.60 -7.13 7.95
N LEU A 274 10.44 -7.94 7.30
CA LEU A 274 10.58 -9.34 7.63
C LEU A 274 11.32 -9.63 8.92
N ARG A 275 12.50 -9.07 9.10
CA ARG A 275 13.35 -9.27 10.26
C ARG A 275 12.62 -9.30 11.58
N SER A 276 11.65 -8.43 11.83
CA SER A 276 10.93 -8.41 13.09
C SER A 276 9.76 -9.37 13.17
N MET A 277 9.50 -10.17 12.15
CA MET A 277 8.40 -11.13 12.23
C MET A 277 8.90 -12.40 12.94
N HIS A 278 8.01 -13.07 13.63
CA HIS A 278 8.33 -14.33 14.32
C HIS A 278 7.61 -15.45 13.57
N VAL A 279 8.37 -16.30 12.90
CA VAL A 279 7.88 -17.40 12.11
C VAL A 279 7.84 -18.72 12.87
N PHE A 280 6.67 -19.34 12.83
CA PHE A 280 6.44 -20.63 13.48
C PHE A 280 6.03 -21.61 12.38
N ILE A 281 6.67 -22.76 12.32
CA ILE A 281 6.37 -23.76 11.29
C ILE A 281 5.41 -24.82 11.81
N LEU A 282 4.31 -25.00 11.07
CA LEU A 282 3.30 -25.98 11.40
C LEU A 282 3.35 -27.16 10.43
N ASP A 283 3.53 -28.34 10.98
CA ASP A 283 3.59 -29.56 10.16
C ASP A 283 2.17 -29.95 9.80
N TYR A 284 1.80 -29.88 8.53
CA TYR A 284 0.43 -30.19 8.12
C TYR A 284 0.22 -31.67 7.80
N ASP A 285 1.29 -32.45 7.80
CA ASP A 285 1.22 -33.87 7.51
C ASP A 285 0.69 -34.64 8.72
N GLN A 286 -0.61 -34.48 8.93
CA GLN A 286 -1.37 -35.08 10.01
C GLN A 286 -2.84 -34.75 9.81
N SER A 287 -3.69 -35.07 10.76
CA SER A 287 -5.12 -34.82 10.65
C SER A 287 -5.50 -33.43 11.15
N PRO A 288 -6.66 -32.96 10.72
CA PRO A 288 -7.19 -31.67 11.15
C PRO A 288 -7.11 -31.51 12.65
N ALA A 289 -7.50 -32.52 13.41
CA ALA A 289 -7.41 -32.48 14.87
C ALA A 289 -5.96 -32.22 15.27
N GLY A 290 -5.04 -33.01 14.72
CA GLY A 290 -3.62 -32.83 14.99
C GLY A 290 -3.14 -31.40 14.71
N CYS A 291 -3.50 -30.85 13.55
CA CYS A 291 -3.13 -29.50 13.16
C CYS A 291 -3.72 -28.47 14.12
N ARG A 292 -4.83 -28.81 14.75
CA ARG A 292 -5.48 -27.92 15.71
C ARG A 292 -4.68 -27.91 17.00
N ASP A 293 -4.28 -29.09 17.48
CA ASP A 293 -3.49 -29.20 18.70
C ASP A 293 -2.14 -28.53 18.50
N ALA A 294 -1.48 -28.91 17.41
CA ALA A 294 -0.18 -28.36 17.06
C ALA A 294 -0.17 -26.83 17.12
N LEU A 295 -1.11 -26.22 16.41
CA LEU A 295 -1.23 -24.78 16.33
C LEU A 295 -1.30 -24.10 17.70
N LEU A 296 -2.14 -24.68 18.53
CA LEU A 296 -2.39 -24.20 19.90
C LEU A 296 -1.13 -24.41 20.74
N GLN A 297 -0.40 -25.50 20.50
CA GLN A 297 0.85 -25.76 21.21
C GLN A 297 1.87 -24.66 20.87
N LEU A 298 1.93 -24.35 19.59
CA LEU A 298 2.78 -23.31 19.02
C LEU A 298 2.55 -21.97 19.67
N THR A 299 1.35 -21.68 20.17
CA THR A 299 1.06 -20.41 20.79
C THR A 299 1.93 -20.15 22.00
N SER A 300 2.41 -21.17 22.71
CA SER A 300 3.27 -21.04 23.87
C SER A 300 4.55 -20.25 23.67
N GLY A 301 5.13 -20.27 22.46
CA GLY A 301 6.35 -19.54 22.20
C GLY A 301 6.09 -18.28 21.36
N MET A 302 4.83 -17.90 21.19
CA MET A 302 4.49 -16.73 20.41
C MET A 302 4.57 -15.45 21.24
N VAL A 303 4.80 -14.32 20.57
CA VAL A 303 4.93 -13.05 21.29
C VAL A 303 3.61 -12.33 21.46
N GLN A 304 3.33 -11.86 22.67
CA GLN A 304 2.10 -11.15 22.96
C GLN A 304 2.38 -9.66 23.13
N THR A 305 1.37 -8.84 22.93
CA THR A 305 1.58 -7.39 23.09
C THR A 305 0.50 -6.88 24.06
N HIS A 306 0.62 -5.63 24.45
CA HIS A 306 -0.36 -4.97 25.28
C HIS A 306 -1.26 -4.15 24.33
N VAL A 307 -2.47 -3.82 24.73
CA VAL A 307 -3.32 -3.00 23.86
C VAL A 307 -3.28 -1.57 24.40
N THR A 308 -3.43 -0.58 23.53
CA THR A 308 -3.36 0.81 23.91
C THR A 308 -4.45 1.33 24.82
N THR A 309 -5.71 0.99 24.60
CA THR A 309 -6.80 1.48 25.44
C THR A 309 -7.52 0.32 26.12
N PRO A 310 -8.31 0.66 27.14
CA PRO A 310 -9.08 -0.32 27.91
C PRO A 310 -10.17 -0.95 27.08
N GLY A 311 -10.71 -0.20 26.12
CA GLY A 311 -11.76 -0.69 25.25
C GLY A 311 -11.19 -1.25 23.94
N SER A 312 -9.93 -1.69 23.96
CA SER A 312 -9.34 -2.24 22.75
C SER A 312 -9.75 -3.69 22.53
N ILE A 313 -10.09 -4.40 23.60
CA ILE A 313 -10.52 -5.80 23.44
C ILE A 313 -11.79 -5.90 22.62
N PRO A 314 -12.86 -5.24 23.05
CA PRO A 314 -14.13 -5.24 22.36
C PRO A 314 -14.06 -4.78 20.92
N THR A 315 -13.32 -3.71 20.64
CA THR A 315 -13.20 -3.21 19.27
C THR A 315 -12.69 -4.33 18.36
N ILE A 316 -11.64 -5.01 18.81
CA ILE A 316 -11.06 -6.12 18.05
C ILE A 316 -12.08 -7.23 17.86
N CYS A 317 -12.74 -7.68 18.93
CA CYS A 317 -13.76 -8.70 18.84
C CYS A 317 -14.79 -8.34 17.77
N ASP A 318 -15.39 -7.15 17.88
CA ASP A 318 -16.39 -6.71 16.91
C ASP A 318 -15.80 -6.66 15.50
N LEU A 319 -14.58 -6.18 15.36
CA LEU A 319 -13.92 -6.11 14.05
C LEU A 319 -13.96 -7.53 13.46
N ALA A 320 -13.42 -8.47 14.21
CA ALA A 320 -13.38 -9.88 13.82
C ALA A 320 -14.75 -10.44 13.51
N ARG A 321 -15.72 -10.19 14.39
CA ARG A 321 -17.08 -10.69 14.17
C ARG A 321 -17.71 -10.08 12.94
N THR A 322 -17.64 -8.75 12.81
CA THR A 322 -18.20 -8.07 11.65
C THR A 322 -17.53 -8.53 10.35
N PHE A 323 -16.22 -8.69 10.41
CA PHE A 323 -15.44 -9.15 9.26
C PHE A 323 -15.95 -10.51 8.81
N ALA A 324 -15.95 -11.45 9.76
CA ALA A 324 -16.39 -12.81 9.50
C ALA A 324 -17.78 -12.83 8.88
N ARG A 325 -18.75 -12.24 9.57
CA ARG A 325 -20.12 -12.15 9.13
C ARG A 325 -20.27 -11.62 7.71
N GLU A 326 -19.59 -10.52 7.39
CA GLU A 326 -19.68 -9.90 6.09
C GLU A 326 -18.84 -10.50 4.98
N MET A 327 -17.56 -10.75 5.23
CA MET A 327 -16.70 -11.29 4.16
C MET A 327 -16.53 -12.79 4.17
N GLY A 328 -16.71 -13.42 5.32
CA GLY A 328 -16.60 -14.89 5.38
C GLY A 328 -18.00 -15.45 5.14
N GLU A 329 -18.33 -15.70 3.88
CA GLU A 329 -19.64 -16.22 3.51
C GLU A 329 -20.77 -15.32 4.00
N MET B 1 18.66 17.91 19.02
CA MET B 1 18.64 17.39 17.63
C MET B 1 18.33 18.45 16.59
N PRO B 2 18.83 18.24 15.37
CA PRO B 2 18.60 19.15 14.27
C PRO B 2 17.14 19.02 13.82
N THR B 3 16.57 20.05 13.20
CA THR B 3 15.19 19.97 12.76
C THR B 3 15.10 19.83 11.24
N LEU B 4 14.02 19.22 10.78
CA LEU B 4 13.77 18.99 9.38
C LEU B 4 12.42 19.56 8.93
N LEU B 5 12.39 20.10 7.71
CA LEU B 5 11.13 20.64 7.19
C LEU B 5 10.78 19.92 5.88
N ARG B 6 9.70 19.14 5.90
CA ARG B 6 9.30 18.44 4.69
C ARG B 6 8.06 19.14 4.13
N VAL B 7 8.14 19.49 2.85
CA VAL B 7 7.05 20.17 2.16
C VAL B 7 6.75 19.40 0.88
N TYR B 8 5.50 18.98 0.72
CA TYR B 8 5.10 18.27 -0.48
C TYR B 8 4.25 19.19 -1.35
N ILE B 9 4.76 19.50 -2.54
CA ILE B 9 3.98 20.38 -3.43
C ILE B 9 3.08 19.45 -4.24
N ASP B 10 1.77 19.68 -4.28
CA ASP B 10 0.92 18.75 -5.02
C ASP B 10 -0.21 19.48 -5.72
N GLY B 11 -1.34 18.82 -5.97
CA GLY B 11 -2.47 19.47 -6.63
C GLY B 11 -2.43 19.14 -8.12
N PRO B 12 -3.39 19.67 -8.87
CA PRO B 12 -3.47 19.45 -10.29
C PRO B 12 -2.24 19.88 -11.06
N HIS B 13 -1.95 19.18 -12.15
CA HIS B 13 -0.81 19.51 -13.00
C HIS B 13 -1.09 20.80 -13.78
N GLY B 14 -0.05 21.44 -14.28
CA GLY B 14 -0.16 22.63 -15.06
C GLY B 14 -0.42 23.93 -14.38
N MET B 15 -0.22 24.05 -13.07
CA MET B 15 -0.47 25.31 -12.40
C MET B 15 0.77 26.16 -12.21
N GLY B 16 1.96 25.59 -12.32
CA GLY B 16 3.19 26.37 -12.14
C GLY B 16 3.98 25.89 -10.93
N LYS B 17 3.74 24.64 -10.56
CA LYS B 17 4.36 24.01 -9.41
C LYS B 17 5.85 23.73 -9.51
N THR B 18 6.30 23.18 -10.64
CA THR B 18 7.71 22.85 -10.82
C THR B 18 8.54 24.13 -10.83
N THR B 19 8.08 25.09 -11.64
CA THR B 19 8.77 26.38 -11.70
C THR B 19 8.86 27.00 -10.29
N THR B 20 7.72 27.06 -9.61
CA THR B 20 7.68 27.64 -8.26
C THR B 20 8.68 26.98 -7.33
N THR B 21 8.65 25.65 -7.29
CA THR B 21 9.57 24.89 -6.45
C THR B 21 11.01 25.18 -6.81
N GLN B 22 11.30 25.16 -8.11
CA GLN B 22 12.68 25.43 -8.56
C GLN B 22 13.12 26.80 -8.13
N LEU B 23 12.26 27.81 -8.27
CA LEU B 23 12.62 29.16 -7.83
C LEU B 23 12.88 29.18 -6.33
N LEU B 24 12.09 28.44 -5.56
CA LEU B 24 12.27 28.35 -4.11
C LEU B 24 13.64 27.77 -3.79
N VAL B 25 13.95 26.59 -4.34
CA VAL B 25 15.22 25.93 -4.14
C VAL B 25 16.40 26.83 -4.48
N ALA B 26 16.28 27.63 -5.54
CA ALA B 26 17.32 28.54 -6.00
C ALA B 26 17.70 29.59 -4.97
N LEU B 27 16.76 30.09 -4.18
CA LEU B 27 17.06 31.10 -3.18
C LEU B 27 17.97 30.62 -2.06
N GLY B 28 17.77 29.40 -1.59
CA GLY B 28 18.56 28.86 -0.51
C GLY B 28 19.97 28.48 -0.92
N SER B 29 20.72 27.96 0.04
CA SER B 29 22.09 27.53 -0.19
C SER B 29 22.10 26.10 -0.71
N ARG B 30 23.25 25.63 -1.15
CA ARG B 30 23.39 24.29 -1.68
C ARG B 30 22.81 23.22 -0.74
N ASP B 31 23.40 23.11 0.44
CA ASP B 31 23.05 22.13 1.43
C ASP B 31 21.90 22.38 2.37
N ASP B 32 21.17 23.50 2.34
CA ASP B 32 20.07 23.64 3.32
C ASP B 32 18.72 23.28 2.75
N ILE B 33 18.64 23.00 1.46
CA ILE B 33 17.37 22.64 0.83
C ILE B 33 17.56 21.72 -0.36
N VAL B 34 16.97 20.52 -0.29
CA VAL B 34 17.08 19.56 -1.39
C VAL B 34 15.71 19.33 -2.01
N TYR B 35 15.69 19.11 -3.32
CA TYR B 35 14.47 18.89 -4.06
C TYR B 35 14.33 17.48 -4.58
N VAL B 36 13.25 16.81 -4.21
CA VAL B 36 12.93 15.46 -4.69
C VAL B 36 11.96 15.70 -5.84
N PRO B 37 12.45 15.65 -7.07
CA PRO B 37 11.65 15.95 -8.24
C PRO B 37 10.70 14.87 -8.71
N GLU B 38 10.04 15.20 -9.81
CA GLU B 38 9.11 14.26 -10.45
C GLU B 38 9.97 13.11 -10.96
N PRO B 39 9.63 11.87 -10.61
CA PRO B 39 10.40 10.70 -11.03
C PRO B 39 9.97 10.21 -12.39
N MET B 40 10.14 11.07 -13.41
CA MET B 40 9.75 10.76 -14.77
C MET B 40 10.49 9.57 -15.34
N THR B 41 11.74 9.36 -14.98
CA THR B 41 12.54 8.24 -15.46
C THR B 41 11.95 6.91 -15.03
N TYR B 42 11.41 6.86 -13.80
CA TYR B 42 10.80 5.64 -13.32
C TYR B 42 9.54 5.36 -14.14
N TRP B 43 8.71 6.37 -14.35
CA TRP B 43 7.47 6.18 -15.09
C TRP B 43 7.65 5.91 -16.57
N ARG B 44 8.73 6.36 -17.18
CA ARG B 44 8.91 6.12 -18.60
C ARG B 44 9.76 4.90 -18.89
N VAL B 45 10.75 4.60 -18.04
CA VAL B 45 11.66 3.51 -18.25
C VAL B 45 11.86 2.49 -17.14
N LEU B 46 12.23 2.88 -15.94
CA LEU B 46 12.52 1.96 -14.86
C LEU B 46 11.42 1.06 -14.39
N GLY B 47 10.24 1.56 -14.03
CA GLY B 47 9.15 0.71 -13.57
C GLY B 47 8.34 0.05 -14.67
N ALA B 48 8.28 0.67 -15.85
CA ALA B 48 7.55 0.14 -16.98
C ALA B 48 7.81 1.05 -18.18
N SER B 49 7.28 0.71 -19.36
CA SER B 49 7.51 1.54 -20.54
C SER B 49 6.40 2.56 -20.76
N GLU B 50 6.77 3.84 -20.81
CA GLU B 50 5.80 4.91 -21.03
C GLU B 50 4.53 4.69 -20.23
N THR B 51 4.60 4.73 -18.91
CA THR B 51 3.41 4.52 -18.07
C THR B 51 2.39 5.63 -18.28
N ILE B 52 2.81 6.87 -18.48
CA ILE B 52 1.87 7.97 -18.71
C ILE B 52 1.21 7.87 -20.08
N ALA B 53 1.96 7.54 -21.13
CA ALA B 53 1.36 7.39 -22.46
C ALA B 53 0.32 6.26 -22.44
N ASN B 54 0.67 5.20 -21.72
CA ASN B 54 -0.19 4.05 -21.54
C ASN B 54 -1.50 4.45 -20.86
N ILE B 55 -1.40 5.32 -19.87
CA ILE B 55 -2.58 5.79 -19.14
C ILE B 55 -3.47 6.65 -20.02
N TYR B 56 -2.88 7.59 -20.77
CA TYR B 56 -3.68 8.44 -21.64
C TYR B 56 -4.28 7.72 -22.82
N THR B 57 -3.63 6.68 -23.34
CA THR B 57 -4.13 5.89 -24.45
C THR B 57 -5.38 5.11 -24.03
N THR B 58 -5.27 4.49 -22.85
CA THR B 58 -6.37 3.72 -22.29
C THR B 58 -7.61 4.57 -22.14
N GLN B 59 -7.47 5.78 -21.60
CA GLN B 59 -8.62 6.66 -21.42
C GLN B 59 -9.27 6.93 -22.78
N HIS B 60 -8.46 7.30 -23.77
CA HIS B 60 -8.96 7.56 -25.11
C HIS B 60 -9.69 6.33 -25.65
N ARG B 61 -9.08 5.16 -25.50
CA ARG B 61 -9.68 3.91 -25.94
C ARG B 61 -11.09 3.79 -25.36
N LEU B 62 -11.21 3.86 -24.03
CA LEU B 62 -12.49 3.76 -23.35
C LEU B 62 -13.45 4.84 -23.84
N ASP B 63 -12.95 6.08 -23.94
CA ASP B 63 -13.77 7.19 -24.42
C ASP B 63 -14.30 6.89 -25.81
N GLN B 64 -13.43 6.35 -26.65
CA GLN B 64 -13.74 5.97 -28.01
C GLN B 64 -14.69 4.79 -28.15
N GLY B 65 -14.74 3.94 -27.14
CA GLY B 65 -15.60 2.76 -27.15
C GLY B 65 -14.82 1.57 -27.71
N GLU B 66 -13.50 1.73 -27.76
CA GLU B 66 -12.60 0.71 -28.27
C GLU B 66 -12.37 -0.40 -27.24
N ILE B 67 -12.52 -0.09 -25.96
CA ILE B 67 -12.37 -1.05 -24.88
C ILE B 67 -13.52 -0.88 -23.88
N SER B 68 -13.66 -1.86 -22.99
CA SER B 68 -14.71 -1.79 -21.99
C SER B 68 -14.24 -1.05 -20.74
N ALA B 69 -15.17 -0.81 -19.82
CA ALA B 69 -14.84 -0.12 -18.57
C ALA B 69 -13.98 -1.04 -17.70
N GLY B 70 -14.33 -2.32 -17.69
CA GLY B 70 -13.61 -3.33 -16.94
C GLY B 70 -12.16 -3.43 -17.38
N ASP B 71 -11.90 -3.34 -18.68
CA ASP B 71 -10.55 -3.41 -19.22
C ASP B 71 -9.77 -2.15 -18.85
N ALA B 72 -10.42 -1.01 -19.02
CA ALA B 72 -9.78 0.28 -18.68
C ALA B 72 -9.37 0.27 -17.22
N ALA B 73 -10.24 -0.21 -16.33
CA ALA B 73 -9.98 -0.29 -14.91
C ALA B 73 -8.77 -1.18 -14.60
N VAL B 74 -8.65 -2.32 -15.27
CA VAL B 74 -7.51 -3.20 -15.02
C VAL B 74 -6.21 -2.49 -15.36
N VAL B 75 -6.16 -1.78 -16.48
CA VAL B 75 -4.99 -1.04 -16.90
C VAL B 75 -4.65 0.12 -15.96
N MET B 76 -5.63 0.98 -15.68
CA MET B 76 -5.40 2.12 -14.80
C MET B 76 -4.87 1.68 -13.45
N THR B 77 -5.53 0.68 -12.88
CA THR B 77 -5.17 0.12 -11.59
C THR B 77 -3.75 -0.41 -11.59
N SER B 78 -3.39 -1.15 -12.63
CA SER B 78 -2.05 -1.70 -12.76
C SER B 78 -1.02 -0.60 -12.95
N ALA B 79 -1.36 0.43 -13.72
CA ALA B 79 -0.53 1.58 -13.98
C ALA B 79 -0.29 2.42 -12.73
N GLN B 80 -1.31 2.58 -11.89
CA GLN B 80 -1.19 3.35 -10.67
C GLN B 80 -0.18 2.77 -9.70
N ILE B 81 -0.01 1.46 -9.70
CA ILE B 81 0.97 0.79 -8.85
C ILE B 81 2.36 1.27 -9.29
N THR B 82 2.56 1.30 -10.61
CA THR B 82 3.82 1.77 -11.17
C THR B 82 4.00 3.25 -10.81
N MET B 83 2.95 4.04 -11.06
CA MET B 83 2.99 5.46 -10.78
C MET B 83 3.41 5.80 -9.36
N GLY B 84 2.82 5.21 -8.33
CA GLY B 84 3.13 5.54 -6.96
C GLY B 84 4.32 4.91 -6.29
N MET B 85 5.03 4.00 -6.95
CA MET B 85 6.18 3.29 -6.42
C MET B 85 7.24 4.21 -5.83
N PRO B 86 7.71 5.17 -6.61
CA PRO B 86 8.72 6.11 -6.15
C PRO B 86 8.27 6.87 -4.92
N TYR B 87 7.04 7.38 -4.92
CA TYR B 87 6.56 8.10 -3.74
C TYR B 87 6.54 7.19 -2.52
N ALA B 88 6.03 5.97 -2.69
CA ALA B 88 5.91 5.06 -1.57
C ALA B 88 7.22 4.55 -1.03
N VAL B 89 8.12 4.11 -1.91
CA VAL B 89 9.41 3.59 -1.41
C VAL B 89 10.14 4.71 -0.70
N THR B 90 10.08 5.93 -1.25
CA THR B 90 10.74 7.06 -0.60
C THR B 90 10.21 7.33 0.80
N ASP B 91 8.89 7.25 0.96
CA ASP B 91 8.28 7.48 2.27
C ASP B 91 8.70 6.39 3.25
N ALA B 92 8.75 5.14 2.77
CA ALA B 92 9.10 4.02 3.62
C ALA B 92 10.51 4.10 4.19
N VAL B 93 11.49 4.50 3.39
CA VAL B 93 12.87 4.61 3.86
C VAL B 93 13.14 5.91 4.62
N LEU B 94 12.29 6.89 4.41
CA LEU B 94 12.38 8.19 5.07
C LEU B 94 11.85 8.10 6.50
N ALA B 95 10.75 7.35 6.65
CA ALA B 95 10.03 7.12 7.87
C ALA B 95 10.81 6.96 9.15
N PRO B 96 11.77 6.04 9.23
CA PRO B 96 12.56 5.82 10.42
C PRO B 96 13.35 7.03 10.90
N HIS B 97 13.65 7.99 10.03
CA HIS B 97 14.37 9.18 10.40
C HIS B 97 13.53 10.32 10.94
N ILE B 98 12.20 10.22 10.91
CA ILE B 98 11.36 11.31 11.37
C ILE B 98 10.95 11.21 12.84
N GLY B 99 11.30 12.23 13.60
CA GLY B 99 10.96 12.29 15.02
C GLY B 99 9.62 12.98 15.25
N GLY B 100 9.40 13.49 16.46
CA GLY B 100 8.16 14.17 16.81
C GLY B 100 8.12 15.60 16.28
N GLU B 101 6.93 16.21 16.31
CA GLU B 101 6.78 17.58 15.82
C GLU B 101 7.47 18.53 16.80
N ALA B 102 8.03 19.60 16.24
CA ALA B 102 8.72 20.62 17.02
C ALA B 102 7.82 21.85 17.16
N GLY B 103 7.82 22.69 16.13
CA GLY B 103 7.00 23.90 16.11
C GLY B 103 7.15 24.62 14.78
N SER B 104 6.10 25.34 14.38
CA SER B 104 6.12 26.08 13.12
C SER B 104 7.39 26.93 13.02
N PRO B 109 16.26 28.32 12.13
CA PRO B 109 15.63 27.63 11.01
C PRO B 109 15.93 26.14 11.01
N PRO B 110 15.30 25.41 10.11
CA PRO B 110 15.51 23.97 10.01
C PRO B 110 16.88 23.69 9.42
N ALA B 111 17.53 22.60 9.84
CA ALA B 111 18.85 22.26 9.31
C ALA B 111 18.74 21.87 7.83
N LEU B 112 17.63 21.23 7.50
CA LEU B 112 17.38 20.80 6.13
C LEU B 112 15.90 20.88 5.77
N THR B 113 15.65 21.40 4.57
CA THR B 113 14.30 21.52 4.04
C THR B 113 14.20 20.60 2.82
N LEU B 114 13.25 19.69 2.82
CA LEU B 114 13.01 18.78 1.73
C LEU B 114 11.72 19.18 1.00
N ILE B 115 11.84 19.50 -0.28
CA ILE B 115 10.66 19.88 -1.05
C ILE B 115 10.39 18.73 -2.04
N PHE B 116 9.23 18.12 -1.95
CA PHE B 116 8.91 17.01 -2.82
C PHE B 116 7.94 17.40 -3.93
N ASP B 117 8.14 16.75 -5.08
CA ASP B 117 7.21 16.94 -6.19
C ASP B 117 6.17 15.81 -5.95
N ARG B 118 5.07 16.18 -5.32
CA ARG B 118 3.98 15.32 -4.97
C ARG B 118 4.20 14.45 -3.75
N HIS B 119 3.09 13.98 -3.21
CA HIS B 119 3.04 13.11 -2.04
C HIS B 119 2.40 11.79 -2.41
N PRO B 120 2.68 10.70 -1.70
CA PRO B 120 2.08 9.41 -1.98
C PRO B 120 0.58 9.46 -2.22
N ILE B 121 -0.21 10.31 -1.56
CA ILE B 121 -1.64 10.38 -1.81
C ILE B 121 -1.99 10.79 -3.23
N ALA B 122 -1.06 11.40 -3.97
CA ALA B 122 -1.37 11.75 -5.35
C ALA B 122 -1.67 10.47 -6.14
N ALA B 123 -0.79 9.48 -5.96
CA ALA B 123 -0.89 8.22 -6.65
C ALA B 123 -1.82 7.20 -6.01
N LEU B 124 -1.98 7.26 -4.69
CA LEU B 124 -2.81 6.33 -3.95
C LEU B 124 -4.19 6.86 -3.63
N LEU B 125 -4.53 8.07 -4.07
CA LEU B 125 -5.84 8.62 -3.76
C LEU B 125 -6.39 9.55 -4.83
N CYS B 126 -5.69 10.63 -5.14
CA CYS B 126 -6.11 11.64 -6.08
C CYS B 126 -6.26 11.26 -7.52
N TYR B 127 -5.25 10.67 -8.16
CA TYR B 127 -5.40 10.25 -9.56
C TYR B 127 -6.39 9.14 -9.68
N PRO B 128 -6.32 8.10 -8.85
CA PRO B 128 -7.29 7.01 -8.87
C PRO B 128 -8.72 7.54 -8.77
N ALA B 129 -8.96 8.46 -7.82
CA ALA B 129 -10.30 9.03 -7.68
C ALA B 129 -10.70 9.80 -8.92
N ALA B 130 -9.76 10.54 -9.53
CA ALA B 130 -10.09 11.29 -10.74
C ALA B 130 -10.40 10.33 -11.88
N ARG B 131 -9.70 9.19 -11.95
CA ARG B 131 -9.99 8.20 -12.98
C ARG B 131 -11.35 7.56 -12.73
N TYR B 132 -11.75 7.45 -11.46
CA TYR B 132 -13.06 6.91 -11.11
C TYR B 132 -14.15 7.87 -11.61
N LEU B 133 -13.91 9.18 -11.55
CA LEU B 133 -14.89 10.14 -12.05
C LEU B 133 -14.92 10.10 -13.58
N MET B 134 -13.82 9.70 -14.20
CA MET B 134 -13.65 9.57 -15.63
C MET B 134 -14.21 8.24 -16.16
N GLY B 135 -14.54 7.34 -15.25
CA GLY B 135 -15.09 6.05 -15.56
C GLY B 135 -14.08 4.98 -15.87
N SER B 136 -12.78 5.25 -15.70
CA SER B 136 -11.76 4.26 -16.00
C SER B 136 -11.25 3.50 -14.79
N MET B 137 -11.86 3.70 -13.63
CA MET B 137 -11.48 2.97 -12.43
C MET B 137 -12.74 2.72 -11.59
N THR B 138 -12.78 1.58 -10.89
CA THR B 138 -13.93 1.31 -10.04
C THR B 138 -13.68 1.91 -8.66
N PRO B 139 -14.74 2.23 -7.95
CA PRO B 139 -14.63 2.77 -6.61
C PRO B 139 -13.95 1.79 -5.66
N GLN B 140 -14.13 0.49 -5.86
CA GLN B 140 -13.50 -0.51 -5.02
C GLN B 140 -11.97 -0.46 -5.18
N ALA B 141 -11.51 -0.29 -6.41
CA ALA B 141 -10.08 -0.22 -6.66
C ALA B 141 -9.51 1.02 -5.98
N VAL B 142 -10.24 2.14 -6.10
CA VAL B 142 -9.83 3.39 -5.45
C VAL B 142 -9.66 3.15 -3.95
N LEU B 143 -10.63 2.49 -3.32
CA LEU B 143 -10.55 2.23 -1.88
C LEU B 143 -9.43 1.26 -1.54
N ALA B 144 -9.06 0.39 -2.47
CA ALA B 144 -7.95 -0.54 -2.28
C ALA B 144 -6.64 0.26 -2.19
N PHE B 145 -6.50 1.28 -3.05
CA PHE B 145 -5.32 2.13 -2.98
C PHE B 145 -5.36 2.96 -1.70
N VAL B 146 -6.56 3.46 -1.34
CA VAL B 146 -6.72 4.25 -0.13
C VAL B 146 -6.23 3.46 1.09
N ALA B 147 -6.59 2.18 1.15
CA ALA B 147 -6.20 1.30 2.24
C ALA B 147 -4.70 1.11 2.37
N LEU B 148 -3.94 1.32 1.30
CA LEU B 148 -2.50 1.17 1.33
C LEU B 148 -1.71 2.43 1.63
N ILE B 149 -2.37 3.57 1.74
CA ILE B 149 -1.67 4.83 2.04
C ILE B 149 -0.87 4.61 3.32
N PRO B 150 0.42 4.94 3.31
CA PRO B 150 1.26 4.74 4.48
C PRO B 150 0.89 5.69 5.61
N PRO B 151 1.18 5.26 6.84
CA PRO B 151 0.91 6.08 8.02
C PRO B 151 1.47 7.47 7.79
N THR B 152 0.70 8.50 8.14
CA THR B 152 1.11 9.88 7.94
C THR B 152 2.17 10.29 8.95
N LEU B 153 3.38 10.51 8.45
CA LEU B 153 4.48 10.91 9.32
C LEU B 153 4.20 12.31 9.87
N PRO B 154 4.66 12.56 11.09
CA PRO B 154 4.52 13.86 11.72
C PRO B 154 5.20 14.91 10.83
N GLY B 155 4.69 16.12 10.80
CA GLY B 155 5.27 17.19 10.01
C GLY B 155 4.98 17.01 8.52
N THR B 156 3.80 16.50 8.20
CA THR B 156 3.45 16.31 6.80
C THR B 156 2.72 17.56 6.30
N ASN B 157 3.49 18.46 5.73
CA ASN B 157 3.02 19.70 5.16
C ASN B 157 2.76 19.53 3.66
N ILE B 158 1.51 19.69 3.25
CA ILE B 158 1.15 19.55 1.84
C ILE B 158 0.63 20.88 1.31
N VAL B 159 1.21 21.31 0.19
CA VAL B 159 0.81 22.55 -0.46
C VAL B 159 0.00 22.27 -1.71
N LEU B 160 -1.25 22.72 -1.73
CA LEU B 160 -2.09 22.50 -2.92
C LEU B 160 -2.18 23.78 -3.71
N GLY B 161 -2.66 23.78 -4.95
CA GLY B 161 -2.73 24.99 -5.72
C GLY B 161 -4.11 25.49 -6.09
N ALA B 162 -4.23 26.80 -6.23
CA ALA B 162 -5.49 27.45 -6.62
C ALA B 162 -5.26 28.26 -7.89
N LEU B 163 -5.99 27.91 -8.94
CA LEU B 163 -5.87 28.62 -10.21
C LEU B 163 -7.21 28.58 -10.92
N PRO B 164 -7.71 29.74 -11.30
CA PRO B 164 -8.98 29.86 -12.01
C PRO B 164 -9.03 28.91 -13.20
N GLU B 165 -10.16 28.26 -13.46
CA GLU B 165 -10.23 27.32 -14.56
C GLU B 165 -9.81 27.91 -15.88
N ASP B 166 -10.26 29.11 -16.23
CA ASP B 166 -9.84 29.71 -17.51
C ASP B 166 -8.33 29.89 -17.55
N ARG B 167 -7.77 30.45 -16.48
CA ARG B 167 -6.32 30.63 -16.42
C ARG B 167 -5.62 29.28 -16.51
N HIS B 168 -6.13 28.27 -15.80
CA HIS B 168 -5.54 26.94 -15.83
C HIS B 168 -5.64 26.36 -17.25
N ILE B 169 -6.84 26.38 -17.83
CA ILE B 169 -7.04 25.84 -19.18
C ILE B 169 -6.16 26.57 -20.19
N ASP B 170 -6.19 27.90 -20.12
CA ASP B 170 -5.40 28.74 -21.01
C ASP B 170 -3.94 28.29 -20.97
N ARG B 171 -3.41 28.19 -19.76
CA ARG B 171 -2.06 27.76 -19.49
C ARG B 171 -1.77 26.34 -19.89
N LEU B 172 -2.63 25.40 -19.49
CA LEU B 172 -2.43 23.98 -19.79
C LEU B 172 -2.42 23.70 -21.28
N ALA B 173 -3.11 24.51 -22.07
CA ALA B 173 -3.12 24.34 -23.53
C ALA B 173 -1.75 24.75 -24.09
N LYS B 174 -0.81 23.82 -24.09
CA LYS B 174 0.54 24.04 -24.57
C LYS B 174 1.27 25.09 -23.74
N LEU B 182 -5.44 17.27 -24.94
CA LEU B 182 -6.04 18.22 -23.99
C LEU B 182 -7.32 17.63 -23.40
N ASP B 183 -7.19 16.75 -22.39
CA ASP B 183 -8.38 16.17 -21.80
C ASP B 183 -8.96 17.11 -20.76
N LEU B 184 -9.99 17.85 -21.16
CA LEU B 184 -10.69 18.80 -20.31
C LEU B 184 -11.43 18.10 -19.18
N ALA B 185 -11.95 16.91 -19.45
CA ALA B 185 -12.68 16.14 -18.45
C ALA B 185 -11.74 15.77 -17.31
N MET B 186 -10.58 15.22 -17.68
CA MET B 186 -9.56 14.83 -16.71
C MET B 186 -9.11 16.02 -15.90
N LEU B 187 -8.96 17.18 -16.55
CA LEU B 187 -8.58 18.39 -15.83
C LEU B 187 -9.65 18.78 -14.83
N ALA B 188 -10.92 18.69 -15.23
CA ALA B 188 -12.04 19.02 -14.35
C ALA B 188 -12.09 18.03 -13.18
N ALA B 189 -11.94 16.74 -13.51
CA ALA B 189 -11.94 15.69 -12.50
C ALA B 189 -10.78 15.83 -11.53
N ILE B 190 -9.58 16.17 -12.04
CA ILE B 190 -8.45 16.31 -11.11
C ILE B 190 -8.63 17.55 -10.23
N ARG B 191 -9.12 18.66 -10.76
CA ARG B 191 -9.35 19.87 -9.96
C ARG B 191 -10.41 19.64 -8.90
N ARG B 192 -11.45 18.90 -9.27
CA ARG B 192 -12.52 18.61 -8.32
C ARG B 192 -11.97 17.77 -7.16
N VAL B 193 -11.23 16.72 -7.49
CA VAL B 193 -10.63 15.83 -6.50
C VAL B 193 -9.73 16.59 -5.54
N TYR B 194 -8.88 17.47 -6.06
CA TYR B 194 -8.01 18.24 -5.16
C TYR B 194 -8.82 19.26 -4.36
N GLY B 195 -9.92 19.77 -4.93
CA GLY B 195 -10.78 20.70 -4.20
C GLY B 195 -11.42 19.92 -3.03
N LEU B 196 -11.91 18.72 -3.32
CA LEU B 196 -12.53 17.87 -2.31
C LEU B 196 -11.53 17.50 -1.23
N LEU B 197 -10.30 17.20 -1.65
CA LEU B 197 -9.22 16.86 -0.72
C LEU B 197 -8.99 17.98 0.29
N ALA B 198 -8.94 19.22 -0.17
CA ALA B 198 -8.71 20.34 0.77
C ALA B 198 -9.85 20.40 1.78
N ASN B 199 -11.10 20.33 1.32
CA ASN B 199 -12.23 20.37 2.25
C ASN B 199 -12.22 19.19 3.20
N THR B 200 -11.78 18.03 2.72
CA THR B 200 -11.73 16.83 3.55
C THR B 200 -10.82 17.01 4.74
N VAL B 201 -9.66 17.64 4.58
CA VAL B 201 -8.72 17.92 5.65
C VAL B 201 -9.35 18.87 6.67
N ARG B 202 -9.94 19.95 6.17
CA ARG B 202 -10.61 20.95 7.02
C ARG B 202 -11.72 20.29 7.81
N TYR B 203 -12.61 19.60 7.09
CA TYR B 203 -13.71 18.84 7.68
C TYR B 203 -13.23 17.98 8.83
N LEU B 204 -12.18 17.19 8.63
CA LEU B 204 -11.65 16.32 9.67
C LEU B 204 -10.99 17.08 10.81
N GLN B 205 -10.35 18.22 10.52
CA GLN B 205 -9.69 18.98 11.59
C GLN B 205 -10.68 19.83 12.35
N CYS B 206 -11.89 19.99 11.83
CA CYS B 206 -12.96 20.73 12.48
C CYS B 206 -13.85 19.74 13.26
N GLY B 207 -13.34 18.54 13.50
CA GLY B 207 -13.98 17.49 14.22
C GLY B 207 -15.00 16.67 13.46
N GLY B 208 -14.98 16.73 12.15
CA GLY B 208 -15.89 15.99 11.31
C GLY B 208 -15.74 14.48 11.46
N SER B 209 -16.88 13.81 11.47
CA SER B 209 -16.97 12.37 11.58
C SER B 209 -17.83 11.87 10.42
N TRP B 210 -17.21 11.21 9.43
CA TRP B 210 -17.94 10.74 8.27
C TRP B 210 -19.07 9.80 8.62
N ARG B 211 -18.84 8.91 9.59
CA ARG B 211 -19.88 7.98 10.02
C ARG B 211 -21.08 8.73 10.58
N GLU B 212 -20.84 9.76 11.39
CA GLU B 212 -21.89 10.58 11.98
C GLU B 212 -22.68 11.32 10.91
N ASP B 213 -22.05 11.76 9.81
CA ASP B 213 -22.72 12.48 8.75
C ASP B 213 -23.02 11.74 7.47
N TRP B 214 -22.80 10.44 7.38
CA TRP B 214 -23.06 9.68 6.17
C TRP B 214 -24.42 9.92 5.54
N GLY B 215 -25.47 9.90 6.34
CA GLY B 215 -26.83 10.13 5.91
C GLY B 215 -27.12 11.47 5.27
N GLN B 216 -26.27 12.48 5.48
CA GLN B 216 -26.45 13.78 4.87
C GLN B 216 -26.14 13.80 3.39
N LEU B 217 -25.59 12.73 2.86
CA LEU B 217 -25.26 12.57 1.45
C LEU B 217 -26.47 12.13 0.64
N SER B 218 -26.66 12.74 -0.52
CA SER B 218 -27.75 12.42 -1.43
C SER B 218 -27.90 13.55 -2.46
N GLY B 219 -28.57 13.27 -3.56
CA GLY B 219 -28.75 14.28 -4.61
C GLY B 219 -27.76 14.06 -5.75
N PRO B 229 -12.26 26.40 -2.10
CA PRO B 229 -11.99 25.50 -0.99
C PRO B 229 -10.82 25.96 -0.14
N GLN B 230 -10.95 25.74 1.17
CA GLN B 230 -9.95 26.11 2.16
C GLN B 230 -9.55 24.89 2.99
N SER B 231 -8.26 24.62 3.04
CA SER B 231 -7.73 23.48 3.76
C SER B 231 -7.38 23.76 5.21
N ASN B 232 -7.19 25.03 5.55
CA ASN B 232 -6.84 25.36 6.95
C ASN B 232 -7.49 26.66 7.40
N ALA B 233 -8.59 27.03 6.75
CA ALA B 233 -9.32 28.24 7.09
C ALA B 233 -10.81 28.07 6.80
N GLY B 234 -11.66 28.93 7.34
CA GLY B 234 -13.09 28.84 7.12
C GLY B 234 -13.79 27.90 8.07
N PRO B 235 -15.11 27.74 7.86
CA PRO B 235 -15.95 26.90 8.68
C PRO B 235 -15.91 25.43 8.28
N ARG B 236 -16.53 24.57 9.11
CA ARG B 236 -16.55 23.15 8.78
C ARG B 236 -17.42 22.95 7.54
N PRO B 237 -16.83 22.34 6.52
CA PRO B 237 -17.51 22.06 5.28
C PRO B 237 -18.53 20.94 5.48
N HIS B 238 -19.47 20.86 4.55
CA HIS B 238 -20.49 19.82 4.55
C HIS B 238 -19.83 18.57 3.96
N ILE B 239 -20.10 17.39 4.48
CA ILE B 239 -19.55 16.13 3.97
C ILE B 239 -19.70 16.01 2.47
N GLY B 240 -20.78 16.53 1.90
CA GLY B 240 -21.08 16.55 0.50
C GLY B 240 -20.00 17.24 -0.32
N ASP B 241 -19.21 18.12 0.27
CA ASP B 241 -18.11 18.80 -0.41
C ASP B 241 -16.77 18.18 -0.04
N THR B 242 -16.74 16.97 0.50
CA THR B 242 -15.50 16.29 0.85
C THR B 242 -15.36 15.02 0.00
N LEU B 243 -14.24 14.31 0.09
CA LEU B 243 -13.99 13.10 -0.68
C LEU B 243 -14.94 11.94 -0.40
N PHE B 244 -15.52 11.86 0.79
CA PHE B 244 -16.44 10.80 1.17
C PHE B 244 -17.61 10.60 0.22
N THR B 245 -18.10 11.65 -0.43
CA THR B 245 -19.22 11.54 -1.35
C THR B 245 -18.96 10.78 -2.63
N LEU B 246 -17.70 10.50 -2.96
CA LEU B 246 -17.35 9.76 -4.15
C LEU B 246 -17.65 8.27 -3.91
N PHE B 247 -17.65 7.88 -2.64
CA PHE B 247 -17.82 6.52 -2.20
C PHE B 247 -19.19 6.09 -1.73
N ARG B 248 -20.20 6.50 -2.45
CA ARG B 248 -21.61 6.15 -2.09
C ARG B 248 -22.26 5.48 -3.29
N ALA B 249 -21.39 4.98 -4.17
CA ALA B 249 -21.77 4.28 -5.37
C ALA B 249 -22.44 2.96 -5.03
N PRO B 250 -23.34 2.50 -5.89
CA PRO B 250 -24.07 1.26 -5.70
C PRO B 250 -23.19 0.06 -5.46
N GLU B 251 -22.05 -0.04 -6.12
CA GLU B 251 -21.09 -1.11 -5.96
C GLU B 251 -20.65 -1.32 -4.51
N LEU B 252 -20.55 -0.24 -3.73
CA LEU B 252 -20.11 -0.30 -2.35
C LEU B 252 -21.23 -0.50 -1.34
N LEU B 253 -22.46 -0.29 -1.79
CA LEU B 253 -23.56 -0.42 -0.87
C LEU B 253 -24.20 -1.80 -0.98
N ALA B 254 -24.86 -2.06 0.15
CA ALA B 254 -25.57 -3.34 0.17
C ALA B 254 -27.04 -3.12 -0.18
N PRO B 255 -27.76 -4.23 -0.21
CA PRO B 255 -29.17 -4.23 -0.50
C PRO B 255 -29.99 -3.41 0.48
N ASN B 256 -29.47 -3.09 1.65
CA ASN B 256 -30.16 -2.28 2.65
C ASN B 256 -29.90 -0.80 2.49
N GLY B 257 -29.15 -0.41 1.45
CA GLY B 257 -28.85 0.99 1.19
C GLY B 257 -27.55 1.47 1.78
N ASP B 258 -27.03 0.88 2.86
CA ASP B 258 -25.78 1.36 3.45
C ASP B 258 -24.53 0.77 2.81
N LEU B 259 -23.35 1.27 3.18
CA LEU B 259 -22.08 0.81 2.61
C LEU B 259 -21.58 -0.49 3.21
N TYR B 260 -20.72 -1.33 2.65
CA TYR B 260 -20.19 -2.55 3.27
C TYR B 260 -19.08 -2.22 4.28
N ASN B 261 -18.86 -2.98 5.35
CA ASN B 261 -17.84 -2.70 6.33
C ASN B 261 -16.42 -2.59 5.80
N VAL B 262 -16.04 -3.37 4.80
CA VAL B 262 -14.71 -3.32 4.25
C VAL B 262 -14.43 -1.87 3.76
N PHE B 263 -15.39 -1.35 3.01
CA PHE B 263 -15.29 -0.01 2.45
C PHE B 263 -15.38 1.06 3.51
N ALA B 264 -16.23 0.82 4.51
CA ALA B 264 -16.38 1.76 5.63
C ALA B 264 -15.05 1.84 6.36
N TRP B 265 -14.34 0.73 6.48
CA TRP B 265 -13.04 0.70 7.14
C TRP B 265 -12.03 1.48 6.30
N ALA B 266 -12.10 1.33 4.99
CA ALA B 266 -11.23 2.08 4.10
C ALA B 266 -11.45 3.58 4.34
N LEU B 267 -12.71 3.99 4.46
CA LEU B 267 -13.05 5.37 4.74
C LEU B 267 -12.42 5.83 6.05
N ASP B 268 -12.40 4.97 7.07
CA ASP B 268 -11.77 5.29 8.34
C ASP B 268 -10.26 5.55 8.16
N VAL B 269 -9.63 4.72 7.32
CA VAL B 269 -8.20 4.85 7.04
C VAL B 269 -7.98 6.23 6.41
N LEU B 270 -8.80 6.52 5.39
CA LEU B 270 -8.74 7.81 4.73
C LEU B 270 -8.82 8.94 5.76
N ALA B 271 -9.77 8.83 6.69
CA ALA B 271 -9.97 9.82 7.73
C ALA B 271 -8.75 9.94 8.64
N LYS B 272 -8.18 8.81 9.01
CA LYS B 272 -7.00 8.76 9.87
C LYS B 272 -5.78 9.37 9.18
N ARG B 273 -5.52 8.98 7.93
CA ARG B 273 -4.39 9.49 7.18
C ARG B 273 -4.45 10.99 6.89
N LEU B 274 -5.57 11.53 6.44
CA LEU B 274 -5.70 12.94 6.14
C LEU B 274 -5.78 13.85 7.36
N ARG B 275 -6.36 13.36 8.44
CA ARG B 275 -6.57 14.03 9.70
C ARG B 275 -5.37 14.77 10.25
N SER B 276 -4.21 14.11 10.35
CA SER B 276 -3.01 14.71 10.92
C SER B 276 -2.17 15.56 9.98
N MET B 277 -2.51 15.67 8.71
CA MET B 277 -1.75 16.47 7.77
C MET B 277 -2.01 17.98 7.90
N HIS B 278 -1.02 18.77 7.51
CA HIS B 278 -1.14 20.22 7.51
C HIS B 278 -1.12 20.72 6.06
N VAL B 279 -2.29 21.03 5.52
CA VAL B 279 -2.42 21.47 4.14
C VAL B 279 -2.54 22.97 3.96
N PHE B 280 -1.86 23.49 2.94
CA PHE B 280 -1.84 24.90 2.60
C PHE B 280 -2.18 25.11 1.14
N ILE B 281 -2.82 26.25 0.87
CA ILE B 281 -3.22 26.61 -0.49
C ILE B 281 -2.30 27.70 -1.03
N LEU B 282 -1.76 27.47 -2.22
CA LEU B 282 -0.87 28.40 -2.86
C LEU B 282 -1.49 28.99 -4.12
N ASP B 283 -1.74 30.29 -4.13
CA ASP B 283 -2.32 30.96 -5.28
C ASP B 283 -1.28 31.02 -6.41
N TYR B 284 -1.54 30.25 -7.45
CA TYR B 284 -0.66 30.20 -8.60
C TYR B 284 -0.98 31.26 -9.63
N ASP B 285 -2.09 31.98 -9.45
CA ASP B 285 -2.47 33.03 -10.40
C ASP B 285 -1.67 34.29 -10.09
N GLN B 286 -0.38 34.23 -10.34
CA GLN B 286 0.63 35.22 -10.13
C GLN B 286 1.84 34.90 -11.04
N SER B 287 2.82 35.80 -11.04
CA SER B 287 4.03 35.59 -11.84
C SER B 287 4.91 34.58 -11.11
N PRO B 288 5.83 33.95 -11.82
CA PRO B 288 6.74 32.97 -11.23
C PRO B 288 7.35 33.47 -9.94
N ALA B 289 7.91 34.68 -9.91
CA ALA B 289 8.50 35.22 -8.68
C ALA B 289 7.44 35.41 -7.60
N GLY B 290 6.24 35.83 -8.00
CA GLY B 290 5.17 36.02 -7.00
C GLY B 290 4.87 34.68 -6.33
N CYS B 291 4.71 33.64 -7.14
CA CYS B 291 4.44 32.31 -6.62
C CYS B 291 5.52 31.87 -5.64
N ARG B 292 6.78 32.05 -6.02
CA ARG B 292 7.90 31.69 -5.17
C ARG B 292 7.83 32.40 -3.82
N ASP B 293 7.61 33.71 -3.87
CA ASP B 293 7.54 34.49 -2.63
C ASP B 293 6.27 34.16 -1.87
N ALA B 294 5.22 33.71 -2.57
CA ALA B 294 4.01 33.33 -1.84
C ALA B 294 4.27 32.01 -1.12
N LEU B 295 5.00 31.11 -1.81
CA LEU B 295 5.31 29.82 -1.22
C LEU B 295 6.25 30.00 -0.04
N LEU B 296 7.23 30.87 -0.21
CA LEU B 296 8.20 31.12 0.85
C LEU B 296 7.48 31.53 2.14
N GLN B 297 6.61 32.53 2.00
CA GLN B 297 5.82 33.00 3.15
C GLN B 297 5.04 31.83 3.74
N LEU B 298 4.36 31.02 2.94
CA LEU B 298 3.63 29.86 3.43
C LEU B 298 4.46 28.90 4.24
N THR B 299 5.75 28.71 3.93
CA THR B 299 6.60 27.79 4.68
C THR B 299 6.88 28.29 6.09
N SER B 300 6.70 29.57 6.37
CA SER B 300 6.97 30.10 7.70
C SER B 300 6.13 29.43 8.78
N GLY B 301 4.84 29.24 8.54
CA GLY B 301 3.95 28.61 9.49
C GLY B 301 3.76 27.12 9.33
N MET B 302 4.72 26.41 8.75
CA MET B 302 4.62 24.97 8.57
C MET B 302 5.32 24.23 9.72
N VAL B 303 4.82 23.04 10.03
CA VAL B 303 5.35 22.21 11.09
C VAL B 303 6.63 21.48 10.69
N GLN B 304 7.63 21.65 11.55
CA GLN B 304 8.92 21.01 11.39
C GLN B 304 8.98 19.79 12.32
N THR B 305 9.95 18.91 12.12
CA THR B 305 10.08 17.75 12.98
C THR B 305 11.56 17.55 13.34
N HIS B 306 11.80 16.79 14.41
CA HIS B 306 13.19 16.49 14.76
C HIS B 306 13.54 15.23 13.94
N VAL B 307 14.80 14.82 13.93
CA VAL B 307 15.19 13.61 13.19
C VAL B 307 15.64 12.59 14.23
N THR B 308 15.43 11.30 13.99
CA THR B 308 15.80 10.29 14.97
C THR B 308 17.24 10.32 15.41
N THR B 309 18.22 10.27 14.53
CA THR B 309 19.62 10.28 14.94
C THR B 309 20.42 11.42 14.35
N PRO B 310 21.61 11.65 14.89
CA PRO B 310 22.50 12.71 14.45
C PRO B 310 22.82 12.66 12.96
N GLY B 311 23.06 11.46 12.42
CA GLY B 311 23.36 11.26 11.03
C GLY B 311 22.19 11.21 10.09
N SER B 312 20.97 11.48 10.55
CA SER B 312 19.78 11.49 9.70
C SER B 312 19.86 12.54 8.61
N ILE B 313 20.25 13.76 8.96
CA ILE B 313 20.34 14.85 7.99
C ILE B 313 21.12 14.46 6.76
N PRO B 314 22.40 14.12 6.89
CA PRO B 314 23.22 13.71 5.77
C PRO B 314 22.58 12.59 4.97
N THR B 315 22.03 11.58 5.63
CA THR B 315 21.39 10.46 4.94
C THR B 315 20.17 10.87 4.15
N ILE B 316 19.37 11.79 4.69
CA ILE B 316 18.19 12.27 3.99
C ILE B 316 18.61 13.01 2.73
N CYS B 317 19.67 13.83 2.84
CA CYS B 317 20.19 14.56 1.70
C CYS B 317 20.65 13.61 0.61
N ASP B 318 21.43 12.61 1.00
CA ASP B 318 21.93 11.63 0.02
C ASP B 318 20.77 10.92 -0.67
N LEU B 319 19.75 10.57 0.11
CA LEU B 319 18.55 9.89 -0.39
C LEU B 319 17.84 10.76 -1.43
N ALA B 320 17.66 12.04 -1.10
CA ALA B 320 17.00 12.97 -2.01
C ALA B 320 17.79 13.15 -3.29
N ARG B 321 19.08 13.44 -3.17
CA ARG B 321 19.96 13.64 -4.33
C ARG B 321 19.98 12.42 -5.24
N THR B 322 20.09 11.24 -4.65
CA THR B 322 20.09 9.98 -5.40
C THR B 322 18.76 9.79 -6.13
N PHE B 323 17.66 10.16 -5.49
CA PHE B 323 16.34 10.07 -6.12
C PHE B 323 16.33 11.01 -7.33
N ALA B 324 16.79 12.25 -7.11
CA ALA B 324 16.81 13.23 -8.20
C ALA B 324 17.67 12.72 -9.37
N ARG B 325 18.87 12.24 -9.08
CA ARG B 325 19.78 11.73 -10.08
C ARG B 325 19.25 10.53 -10.86
N GLU B 326 18.82 9.51 -10.11
CA GLU B 326 18.35 8.29 -10.76
C GLU B 326 16.97 8.40 -11.36
N MET B 327 16.02 9.02 -10.65
CA MET B 327 14.66 9.09 -11.15
C MET B 327 14.19 10.37 -11.77
N GLY B 328 14.64 11.54 -11.32
CA GLY B 328 14.17 12.79 -11.99
C GLY B 328 15.07 12.90 -13.23
N GLU B 329 14.59 12.56 -14.41
CA GLU B 329 15.37 12.59 -15.63
C GLU B 329 16.82 12.15 -15.39
#